data_3PEQ
#
_entry.id   3PEQ
#
_cell.length_a   39.472
_cell.length_b   95.535
_cell.length_c   96.537
_cell.angle_alpha   90.00
_cell.angle_beta   97.76
_cell.angle_gamma   90.00
#
_symmetry.space_group_name_H-M   'P 1 21 1'
#
loop_
_entity.id
_entity.type
_entity.pdbx_description
1 polymer 'Peroxisome proliferator-activated receptor delta'
2 non-polymer "[(4-{butyl[2-methyl-4'-(methylsulfanyl)biphenyl-3-yl]sulfamoyl}naphthalen-1-yl)oxy]acetic acid"
3 non-polymer 'hexyl beta-D-glucopyranoside'
4 non-polymer 'IODIDE ION'
5 water water
#
_entity_poly.entity_id   1
_entity_poly.type   'polypeptide(L)'
_entity_poly.pdbx_seq_one_letter_code
;QVADLKAFSKHIYNAYLKNFNMTKKKARSILTGKASHTAPFVIHDIETLWQAEKGLVWKQLVNGLPPYKEISVHVFYRCQ
CTTVETVRELTEFAKSIPSFSSLFLNDQVTLLKYGVHEAIFAMLASIVNKDGLLVANGSGFVTREFLRSLRKPFSDIIEP
KFEFAVKFNALELDDSDLALFIAAIILCGDRPGLMNVPRVEAIQDTILRALEFHLQANHPDAQYLFPKLLQKMADLRQLV
TEHAQMMQRIKKTETETSLHPLLQEIYKDMY
;
_entity_poly.pdbx_strand_id   A,B
#
# COMPACT_ATOMS: atom_id res chain seq x y z
N ALA A 3 44.82 -13.07 3.69
CA ALA A 3 44.78 -13.16 5.18
C ALA A 3 43.99 -11.99 5.77
N ASP A 4 44.53 -10.79 5.66
CA ASP A 4 43.87 -9.56 6.10
C ASP A 4 42.76 -9.18 5.12
N LEU A 5 42.72 -9.88 3.98
CA LEU A 5 41.78 -9.62 2.90
C LEU A 5 40.33 -9.97 3.25
N LYS A 6 40.13 -10.96 4.11
CA LYS A 6 38.79 -11.34 4.54
C LYS A 6 38.11 -10.20 5.31
N ALA A 7 38.87 -9.55 6.19
CA ALA A 7 38.39 -8.40 6.96
C ALA A 7 38.23 -7.15 6.07
N PHE A 8 39.14 -7.03 5.10
CA PHE A 8 39.10 -5.93 4.13
C PHE A 8 37.80 -5.97 3.31
N SER A 9 37.36 -7.17 2.95
CA SER A 9 36.13 -7.36 2.20
C SER A 9 34.89 -7.04 3.05
N LYS A 10 34.95 -7.41 4.33
CA LYS A 10 33.88 -7.12 5.27
C LYS A 10 33.61 -5.62 5.40
N HIS A 11 34.68 -4.83 5.46
CA HIS A 11 34.59 -3.37 5.55
C HIS A 11 33.96 -2.76 4.30
N ILE A 12 34.34 -3.28 3.13
CA ILE A 12 33.73 -2.87 1.87
C ILE A 12 32.24 -3.26 1.81
N TYR A 13 31.95 -4.52 2.14
CA TYR A 13 30.56 -5.00 2.21
C TYR A 13 29.71 -4.17 3.18
N ASN A 14 30.26 -3.85 4.34
CA ASN A 14 29.61 -2.96 5.31
C ASN A 14 29.31 -1.59 4.71
N ALA A 15 30.28 -1.03 4.01
CA ALA A 15 30.17 0.28 3.37
C ALA A 15 29.05 0.31 2.31
N TYR A 16 28.93 -0.81 1.59
CA TYR A 16 27.87 -1.03 0.62
C TYR A 16 26.50 -1.06 1.31
N LEU A 17 26.38 -1.89 2.36
CA LEU A 17 25.12 -2.04 3.09
C LEU A 17 24.66 -0.75 3.76
N LYS A 18 25.64 0.04 4.21
CA LYS A 18 25.40 1.34 4.82
C LYS A 18 24.89 2.40 3.83
N ASN A 19 25.28 2.30 2.56
CA ASN A 19 25.12 3.40 1.61
C ASN A 19 24.13 3.22 0.46
N PHE A 20 23.79 1.99 0.10
CA PHE A 20 22.80 1.77 -0.98
C PHE A 20 21.38 1.46 -0.46
N ASN A 21 20.39 2.15 -1.03
CA ASN A 21 19.00 1.98 -0.67
C ASN A 21 18.45 0.65 -1.16
N MET A 22 18.89 0.24 -2.34
CA MET A 22 18.46 -1.02 -2.91
C MET A 22 19.60 -2.04 -2.97
N THR A 23 19.49 -3.10 -2.19
CA THR A 23 20.38 -4.26 -2.32
C THR A 23 19.80 -5.23 -3.35
N LYS A 24 20.65 -6.09 -3.90
CA LYS A 24 20.19 -7.17 -4.76
C LYS A 24 19.30 -8.13 -3.97
N LYS A 25 19.61 -8.32 -2.69
CA LYS A 25 18.78 -9.17 -1.84
C LYS A 25 17.34 -8.62 -1.78
N LYS A 26 17.21 -7.33 -1.49
CA LYS A 26 15.89 -6.68 -1.50
C LYS A 26 15.24 -6.78 -2.88
N ALA A 27 16.00 -6.42 -3.92
CA ALA A 27 15.52 -6.43 -5.31
C ALA A 27 14.94 -7.77 -5.76
N ARG A 28 15.73 -8.84 -5.65
CA ARG A 28 15.28 -10.18 -6.08
C ARG A 28 14.01 -10.65 -5.38
N SER A 29 13.87 -10.32 -4.09
CA SER A 29 12.69 -10.73 -3.33
C SER A 29 11.42 -10.02 -3.78
N ILE A 30 11.55 -8.74 -4.15
CA ILE A 30 10.44 -7.97 -4.71
C ILE A 30 10.07 -8.53 -6.09
N LEU A 31 11.07 -8.74 -6.93
CA LEU A 31 10.87 -9.25 -8.28
C LEU A 31 10.22 -10.63 -8.38
N THR A 32 10.21 -11.39 -7.28
CA THR A 32 9.56 -12.70 -7.25
C THR A 32 8.35 -12.71 -6.31
N ALA A 39 2.97 -5.74 -3.76
CA ALA A 39 3.51 -5.89 -5.12
C ALA A 39 3.80 -4.54 -5.78
N PRO A 40 4.87 -4.48 -6.60
CA PRO A 40 5.17 -3.24 -7.33
C PRO A 40 4.12 -2.94 -8.40
N PHE A 41 3.79 -1.67 -8.56
CA PHE A 41 2.84 -1.24 -9.58
C PHE A 41 3.48 -1.35 -10.95
N VAL A 42 2.76 -1.97 -11.89
CA VAL A 42 3.29 -2.28 -13.21
C VAL A 42 3.02 -1.16 -14.22
N ILE A 43 4.09 -0.65 -14.82
CA ILE A 43 3.99 0.38 -15.85
C ILE A 43 4.30 -0.27 -17.20
N HIS A 44 3.27 -0.41 -18.04
CA HIS A 44 3.42 -1.07 -19.34
C HIS A 44 2.82 -0.26 -20.50
N ASP A 45 2.14 0.82 -20.17
CA ASP A 45 1.59 1.73 -21.17
C ASP A 45 1.49 3.15 -20.62
N ILE A 46 0.90 4.05 -21.40
CA ILE A 46 0.76 5.46 -21.02
C ILE A 46 -0.17 5.61 -19.81
N GLU A 47 -1.29 4.90 -19.84
CA GLU A 47 -2.29 4.94 -18.78
C GLU A 47 -1.70 4.58 -17.40
N THR A 48 -0.95 3.49 -17.35
CA THR A 48 -0.32 3.04 -16.11
C THR A 48 0.82 3.98 -15.68
N LEU A 49 1.55 4.52 -16.66
CA LEU A 49 2.56 5.54 -16.37
C LEU A 49 1.93 6.77 -15.69
N TRP A 50 0.79 7.21 -16.20
CA TRP A 50 0.08 8.36 -15.63
C TRP A 50 -0.45 8.06 -14.22
N GLN A 51 -0.93 6.85 -14.01
CA GLN A 51 -1.42 6.42 -12.69
C GLN A 51 -0.29 6.27 -11.66
N ALA A 52 0.91 5.99 -12.14
CA ALA A 52 2.09 5.88 -11.28
C ALA A 52 2.48 7.26 -10.75
N GLU A 53 2.31 8.27 -11.61
CA GLU A 53 2.61 9.66 -11.24
C GLU A 53 1.59 10.27 -10.27
N LYS A 54 0.36 9.76 -10.29
CA LYS A 54 -0.72 10.31 -9.46
C LYS A 54 -0.54 10.06 -7.95
N GLY A 55 0.70 9.79 -7.54
CA GLY A 55 1.03 9.62 -6.13
C GLY A 55 1.21 8.18 -5.70
N LEU A 56 0.54 7.26 -6.39
CA LEU A 56 0.58 5.82 -6.07
C LEU A 56 1.98 5.20 -6.08
N VAL A 57 2.89 5.76 -6.90
CA VAL A 57 4.26 5.27 -7.00
C VAL A 57 5.30 6.30 -6.56
N TRP A 58 5.17 7.53 -7.05
CA TRP A 58 6.09 8.61 -6.71
C TRP A 58 5.45 9.64 -5.77
N LEU A 65 11.02 18.20 -10.81
CA LEU A 65 11.08 17.90 -12.24
C LEU A 65 10.87 19.14 -13.12
N PRO A 66 11.46 19.14 -14.34
CA PRO A 66 11.32 20.23 -15.32
C PRO A 66 9.94 20.21 -15.99
N PRO A 67 9.56 21.31 -16.70
CA PRO A 67 8.23 21.35 -17.32
C PRO A 67 8.02 20.21 -18.32
N TYR A 68 6.82 19.62 -18.28
CA TYR A 68 6.46 18.47 -19.10
C TYR A 68 6.66 18.72 -20.60
N LYS A 69 7.20 17.72 -21.28
CA LYS A 69 7.36 17.78 -22.74
C LYS A 69 6.59 16.68 -23.44
N GLU A 70 6.88 15.43 -23.09
CA GLU A 70 6.29 14.26 -23.73
C GLU A 70 6.65 13.00 -22.96
N ILE A 71 6.03 11.88 -23.32
CA ILE A 71 6.18 10.61 -22.61
C ILE A 71 7.63 10.15 -22.48
N SER A 72 8.34 10.07 -23.61
CA SER A 72 9.72 9.57 -23.62
C SER A 72 10.67 10.50 -22.83
N VAL A 73 10.43 11.81 -22.93
CA VAL A 73 11.24 12.80 -22.22
C VAL A 73 10.95 12.78 -20.71
N HIS A 74 9.69 12.52 -20.36
CA HIS A 74 9.33 12.32 -18.96
C HIS A 74 10.07 11.12 -18.37
N VAL A 75 10.15 10.03 -19.12
CA VAL A 75 10.95 8.87 -18.71
C VAL A 75 12.42 9.23 -18.58
N PHE A 76 12.92 10.00 -19.54
CA PHE A 76 14.30 10.45 -19.55
C PHE A 76 14.60 11.35 -18.35
N TYR A 77 13.67 12.22 -17.99
CA TYR A 77 13.83 13.07 -16.81
C TYR A 77 13.87 12.27 -15.52
N ARG A 78 13.00 11.28 -15.39
CA ARG A 78 13.00 10.43 -14.19
C ARG A 78 14.25 9.54 -14.10
N CYS A 79 14.82 9.22 -15.26
CA CYS A 79 16.06 8.48 -15.31
CA CYS A 79 16.09 8.48 -15.33
C CYS A 79 17.22 9.31 -14.72
N GLN A 80 17.26 10.59 -15.08
CA GLN A 80 18.29 11.48 -14.62
C GLN A 80 18.23 11.60 -13.10
N CYS A 81 17.02 11.77 -12.58
CA CYS A 81 16.80 11.87 -11.14
C CYS A 81 17.34 10.66 -10.41
N THR A 82 16.98 9.48 -10.88
CA THR A 82 17.50 8.21 -10.36
C THR A 82 19.04 8.13 -10.42
N THR A 83 19.59 8.50 -11.57
CA THR A 83 21.04 8.46 -11.79
C THR A 83 21.78 9.39 -10.84
N VAL A 84 21.30 10.63 -10.74
CA VAL A 84 21.85 11.61 -9.81
C VAL A 84 21.87 11.04 -8.39
N GLU A 85 20.77 10.41 -7.98
CA GLU A 85 20.67 9.82 -6.65
C GLU A 85 21.64 8.65 -6.48
N THR A 86 21.83 7.86 -7.53
CA THR A 86 22.77 6.74 -7.47
C THR A 86 24.21 7.24 -7.36
N VAL A 87 24.50 8.37 -7.98
CA VAL A 87 25.81 9.00 -7.91
C VAL A 87 26.12 9.45 -6.47
N ARG A 88 25.13 10.05 -5.81
CA ARG A 88 25.20 10.35 -4.38
C ARG A 88 25.56 9.13 -3.54
N GLU A 89 24.84 8.02 -3.74
CA GLU A 89 25.11 6.79 -3.00
C GLU A 89 26.51 6.27 -3.27
N LEU A 90 26.94 6.29 -4.54
CA LEU A 90 28.26 5.84 -4.91
C LEU A 90 29.37 6.68 -4.28
N THR A 91 29.14 7.98 -4.21
CA THR A 91 30.03 8.90 -3.53
C THR A 91 30.20 8.50 -2.07
N GLU A 92 29.08 8.28 -1.37
CA GLU A 92 29.13 7.90 0.05
C GLU A 92 29.77 6.53 0.28
N PHE A 93 29.44 5.58 -0.59
CA PHE A 93 30.09 4.28 -0.60
C PHE A 93 31.61 4.42 -0.68
N ALA A 94 32.10 5.16 -1.68
CA ALA A 94 33.53 5.32 -1.92
C ALA A 94 34.22 5.98 -0.73
N LYS A 95 33.57 7.01 -0.20
CA LYS A 95 34.09 7.75 0.96
C LYS A 95 34.14 6.89 2.21
N SER A 96 33.29 5.84 2.25
CA SER A 96 33.27 4.89 3.36
C SER A 96 34.40 3.87 3.27
N ILE A 97 35.16 3.93 2.17
CA ILE A 97 36.40 3.15 2.06
C ILE A 97 37.58 4.04 2.45
N PRO A 98 38.31 3.67 3.54
CA PRO A 98 39.35 4.57 4.07
C PRO A 98 40.45 4.90 3.05
N SER A 99 40.85 3.93 2.24
CA SER A 99 41.91 4.13 1.24
C SER A 99 41.47 5.10 0.14
N PHE A 100 40.16 5.13 -0.17
CA PHE A 100 39.61 6.12 -1.07
C PHE A 100 39.67 7.51 -0.43
N SER A 101 39.30 7.60 0.85
CA SER A 101 39.22 8.88 1.55
C SER A 101 40.56 9.54 1.81
N SER A 102 41.64 8.75 1.80
CA SER A 102 42.99 9.29 2.00
C SER A 102 43.52 9.99 0.73
N LEU A 103 42.93 9.67 -0.42
CA LEU A 103 43.25 10.34 -1.68
C LEU A 103 42.87 11.81 -1.64
N PHE A 104 43.68 12.65 -2.28
CA PHE A 104 43.33 14.06 -2.42
C PHE A 104 42.01 14.20 -3.18
N LEU A 105 41.20 15.19 -2.78
CA LEU A 105 39.83 15.31 -3.26
C LEU A 105 39.72 15.31 -4.79
N ASN A 106 40.71 15.89 -5.46
CA ASN A 106 40.70 15.91 -6.92
C ASN A 106 40.75 14.50 -7.55
N ASP A 107 41.56 13.61 -6.98
CA ASP A 107 41.62 12.23 -7.43
C ASP A 107 40.32 11.48 -7.11
N GLN A 108 39.75 11.77 -5.95
CA GLN A 108 38.45 11.18 -5.58
C GLN A 108 37.40 11.49 -6.63
N VAL A 109 37.35 12.75 -7.04
CA VAL A 109 36.43 13.27 -8.06
C VAL A 109 36.72 12.68 -9.44
N THR A 110 38.00 12.54 -9.78
CA THR A 110 38.38 11.92 -11.04
C THR A 110 37.89 10.47 -11.09
N LEU A 111 38.11 9.72 -10.01
CA LEU A 111 37.69 8.32 -9.98
C LEU A 111 36.16 8.17 -10.06
N LEU A 112 35.44 9.08 -9.42
CA LEU A 112 33.98 9.05 -9.46
C LEU A 112 33.47 9.52 -10.83
N LYS A 113 34.11 10.54 -11.38
CA LYS A 113 33.77 11.04 -12.70
C LYS A 113 33.74 9.88 -13.69
N TYR A 114 34.85 9.19 -13.83
CA TYR A 114 35.00 8.17 -14.86
C TYR A 114 34.48 6.79 -14.45
N GLY A 115 34.10 6.63 -13.18
CA GLY A 115 33.68 5.33 -12.67
C GLY A 115 32.20 5.14 -12.38
N VAL A 116 31.46 6.22 -12.09
CA VAL A 116 30.08 6.06 -11.62
C VAL A 116 29.14 5.34 -12.60
N HIS A 117 29.25 5.64 -13.89
CA HIS A 117 28.34 4.98 -14.85
C HIS A 117 28.62 3.49 -15.03
N GLU A 118 29.90 3.11 -15.01
CA GLU A 118 30.25 1.69 -15.02
C GLU A 118 29.60 0.99 -13.82
N ALA A 119 29.76 1.58 -12.64
CA ALA A 119 29.15 1.04 -11.42
C ALA A 119 27.62 1.07 -11.45
N ILE A 120 27.05 2.15 -11.97
CA ILE A 120 25.60 2.27 -12.14
C ILE A 120 25.03 1.12 -12.98
N PHE A 121 25.64 0.83 -14.12
CA PHE A 121 25.14 -0.24 -15.00
C PHE A 121 25.32 -1.64 -14.43
N ALA A 122 26.39 -1.83 -13.66
CA ALA A 122 26.61 -3.07 -12.94
C ALA A 122 25.53 -3.33 -11.87
N MET A 123 25.21 -2.31 -11.08
CA MET A 123 24.21 -2.43 -10.01
C MET A 123 22.80 -2.52 -10.55
N LEU A 124 22.61 -1.92 -11.72
CA LEU A 124 21.34 -1.93 -12.42
C LEU A 124 20.86 -3.36 -12.70
N ALA A 125 21.80 -4.26 -13.00
CA ALA A 125 21.47 -5.68 -13.18
C ALA A 125 20.70 -6.27 -11.99
N SER A 126 21.02 -5.80 -10.78
CA SER A 126 20.34 -6.23 -9.56
C SER A 126 18.81 -6.07 -9.60
N ILE A 127 18.33 -5.03 -10.28
CA ILE A 127 16.91 -4.69 -10.31
C ILE A 127 16.23 -4.98 -11.66
N VAL A 128 16.87 -5.82 -12.46
CA VAL A 128 16.41 -6.10 -13.82
C VAL A 128 16.15 -7.59 -14.00
N ASN A 129 15.06 -7.92 -14.67
CA ASN A 129 14.93 -9.27 -15.26
C ASN A 129 14.62 -9.15 -16.77
N LYS A 130 14.49 -10.29 -17.44
CA LYS A 130 14.17 -10.32 -18.87
C LYS A 130 12.99 -9.42 -19.24
N ASP A 131 12.09 -9.19 -18.29
CA ASP A 131 10.81 -8.53 -18.55
C ASP A 131 10.76 -7.03 -18.29
N GLY A 132 11.66 -6.53 -17.45
CA GLY A 132 11.69 -5.12 -17.10
C GLY A 132 12.58 -4.79 -15.92
N LEU A 133 12.36 -3.64 -15.32
CA LEU A 133 13.18 -3.21 -14.19
C LEU A 133 12.36 -2.48 -13.14
N LEU A 134 12.79 -2.56 -11.89
CA LEU A 134 12.15 -1.82 -10.81
C LEU A 134 12.48 -0.34 -10.91
N VAL A 135 11.53 0.51 -10.53
CA VAL A 135 11.77 1.94 -10.40
C VAL A 135 11.24 2.42 -9.05
N ALA A 136 11.64 3.64 -8.66
CA ALA A 136 11.15 4.31 -7.47
C ALA A 136 11.36 3.47 -6.21
N ASN A 137 12.61 3.09 -5.97
CA ASN A 137 12.97 2.26 -4.82
C ASN A 137 12.08 1.00 -4.67
N GLY A 138 11.81 0.35 -5.80
CA GLY A 138 11.07 -0.90 -5.80
C GLY A 138 9.57 -0.78 -5.73
N SER A 139 9.05 0.45 -5.72
CA SER A 139 7.61 0.69 -5.73
C SER A 139 6.99 0.38 -7.10
N GLY A 140 7.81 0.41 -8.14
CA GLY A 140 7.34 0.20 -9.51
C GLY A 140 8.14 -0.82 -10.29
N PHE A 141 7.50 -1.38 -11.30
CA PHE A 141 8.12 -2.26 -12.27
C PHE A 141 7.69 -1.78 -13.65
N VAL A 142 8.65 -1.31 -14.43
CA VAL A 142 8.41 -0.85 -15.79
C VAL A 142 8.79 -1.98 -16.73
N THR A 143 7.91 -2.30 -17.67
CA THR A 143 8.16 -3.39 -18.61
C THR A 143 9.16 -3.00 -19.70
N ARG A 144 9.93 -3.99 -20.12
CA ARG A 144 10.88 -3.88 -21.22
C ARG A 144 10.15 -3.51 -22.50
N GLU A 145 8.98 -4.12 -22.71
CA GLU A 145 8.17 -3.86 -23.91
CA GLU A 145 8.14 -3.87 -23.89
C GLU A 145 7.74 -2.40 -23.96
N PHE A 146 7.33 -1.84 -22.83
CA PHE A 146 6.95 -0.43 -22.78
C PHE A 146 8.10 0.53 -23.11
N LEU A 147 9.29 0.22 -22.61
CA LEU A 147 10.47 1.03 -22.87
C LEU A 147 10.92 0.94 -24.33
N ARG A 148 10.71 -0.24 -24.93
CA ARG A 148 10.93 -0.43 -26.37
C ARG A 148 10.04 0.45 -27.21
N SER A 149 8.88 0.83 -26.66
CA SER A 149 7.87 1.61 -27.39
C SER A 149 8.15 3.12 -27.43
N LEU A 150 9.09 3.57 -26.59
CA LEU A 150 9.49 4.98 -26.57
C LEU A 150 10.15 5.33 -27.88
N ARG A 151 10.03 6.59 -28.31
CA ARG A 151 10.63 6.97 -29.58
C ARG A 151 12.15 6.97 -29.47
N LYS A 152 12.81 6.76 -30.60
CA LYS A 152 14.27 6.91 -30.69
C LYS A 152 14.66 8.34 -30.30
N PRO A 153 15.85 8.52 -29.70
CA PRO A 153 16.87 7.51 -29.46
C PRO A 153 16.70 6.71 -28.16
N PHE A 154 15.69 7.05 -27.35
CA PHE A 154 15.61 6.53 -25.99
C PHE A 154 15.52 5.01 -25.90
N SER A 155 14.69 4.41 -26.74
CA SER A 155 14.59 2.94 -26.82
C SER A 155 15.92 2.29 -27.21
N ASP A 156 16.66 2.91 -28.13
CA ASP A 156 18.00 2.42 -28.51
C ASP A 156 19.03 2.46 -27.38
N ILE A 157 18.95 3.50 -26.55
CA ILE A 157 19.83 3.62 -25.39
C ILE A 157 19.54 2.55 -24.35
N ILE A 158 18.26 2.20 -24.21
CA ILE A 158 17.77 1.31 -23.14
C ILE A 158 18.08 -0.17 -23.37
N GLU A 159 17.85 -0.65 -24.59
CA GLU A 159 17.94 -2.07 -24.91
C GLU A 159 19.29 -2.74 -24.52
N PRO A 160 20.43 -2.13 -24.88
CA PRO A 160 21.72 -2.78 -24.54
C PRO A 160 21.93 -3.05 -23.05
N LYS A 161 21.27 -2.26 -22.21
CA LYS A 161 21.41 -2.42 -20.77
C LYS A 161 20.66 -3.65 -20.29
N PHE A 162 19.55 -3.98 -20.95
CA PHE A 162 18.86 -5.24 -20.72
C PHE A 162 19.73 -6.44 -21.14
N GLU A 163 20.32 -6.34 -22.34
CA GLU A 163 21.19 -7.41 -22.85
C GLU A 163 22.36 -7.63 -21.89
N PHE A 164 22.96 -6.53 -21.44
CA PHE A 164 24.04 -6.62 -20.48
C PHE A 164 23.59 -7.23 -19.16
N ALA A 165 22.50 -6.72 -18.61
CA ALA A 165 22.03 -7.10 -17.27
C ALA A 165 21.61 -8.57 -17.16
N VAL A 166 21.06 -9.12 -18.24
CA VAL A 166 20.63 -10.53 -18.26
C VAL A 166 21.82 -11.51 -18.22
N LYS A 167 22.82 -11.27 -19.08
CA LYS A 167 24.06 -12.06 -19.08
C LYS A 167 24.78 -11.94 -17.73
N PHE A 168 24.84 -10.73 -17.19
CA PHE A 168 25.46 -10.49 -15.90
C PHE A 168 24.76 -11.24 -14.75
N ASN A 169 23.43 -11.24 -14.75
CA ASN A 169 22.65 -11.95 -13.72
C ASN A 169 22.84 -13.47 -13.72
N ALA A 170 23.30 -14.02 -14.85
CA ALA A 170 23.58 -15.45 -14.96
C ALA A 170 24.78 -15.86 -14.09
N LEU A 171 25.63 -14.90 -13.75
CA LEU A 171 26.78 -15.14 -12.86
C LEU A 171 26.37 -15.32 -11.40
N GLU A 172 25.12 -14.98 -11.09
CA GLU A 172 24.50 -15.20 -9.77
C GLU A 172 25.30 -14.63 -8.59
N LEU A 173 25.81 -13.42 -8.77
CA LEU A 173 26.53 -12.73 -7.70
C LEU A 173 25.55 -12.33 -6.59
N ASP A 174 26.04 -12.25 -5.36
CA ASP A 174 25.27 -11.65 -4.29
C ASP A 174 25.85 -10.27 -3.93
N ASP A 175 25.24 -9.62 -2.95
CA ASP A 175 25.62 -8.26 -2.56
C ASP A 175 27.08 -8.16 -2.09
N SER A 176 27.55 -9.17 -1.35
CA SER A 176 28.95 -9.22 -0.93
C SER A 176 29.93 -9.31 -2.12
N ASP A 177 29.57 -10.09 -3.14
CA ASP A 177 30.34 -10.12 -4.39
C ASP A 177 30.36 -8.72 -5.05
N LEU A 178 29.18 -8.10 -5.10
CA LEU A 178 29.00 -6.82 -5.79
C LEU A 178 29.72 -5.67 -5.08
N ALA A 179 29.75 -5.70 -3.76
CA ALA A 179 30.45 -4.70 -2.98
C ALA A 179 31.92 -4.60 -3.41
N LEU A 180 32.59 -5.74 -3.56
CA LEU A 180 33.97 -5.76 -4.01
C LEU A 180 34.11 -5.37 -5.48
N PHE A 181 33.19 -5.86 -6.31
CA PHE A 181 33.18 -5.59 -7.75
C PHE A 181 33.03 -4.08 -8.05
N ILE A 182 32.09 -3.42 -7.37
CA ILE A 182 31.89 -1.98 -7.53
C ILE A 182 33.10 -1.19 -7.00
N ALA A 183 33.65 -1.64 -5.87
CA ALA A 183 34.83 -0.98 -5.32
C ALA A 183 36.00 -1.00 -6.31
N ALA A 184 36.14 -2.13 -7.02
CA ALA A 184 37.20 -2.30 -8.02
C ALA A 184 36.99 -1.40 -9.22
N ILE A 185 35.72 -1.23 -9.60
CA ILE A 185 35.35 -0.31 -10.67
C ILE A 185 35.73 1.14 -10.34
N ILE A 186 35.44 1.57 -9.11
CA ILE A 186 35.72 2.94 -8.67
C ILE A 186 37.22 3.20 -8.50
N LEU A 187 37.92 2.27 -7.87
CA LEU A 187 39.35 2.41 -7.61
C LEU A 187 40.14 1.87 -8.79
N CYS A 188 40.24 2.70 -9.83
CA CYS A 188 40.76 2.26 -11.10
C CYS A 188 41.86 3.18 -11.59
N GLY A 189 43.06 2.63 -11.73
CA GLY A 189 44.27 3.41 -12.04
C GLY A 189 44.34 3.94 -13.47
N ASP A 190 43.51 3.38 -14.35
CA ASP A 190 43.46 3.76 -15.77
C ASP A 190 42.76 5.10 -16.06
N ARG A 191 42.17 5.75 -15.05
CA ARG A 191 41.32 6.92 -15.31
C ARG A 191 42.08 8.15 -15.78
N PRO A 192 41.55 8.85 -16.80
CA PRO A 192 42.24 10.01 -17.38
C PRO A 192 42.39 11.14 -16.36
N GLY A 193 43.60 11.68 -16.25
CA GLY A 193 43.85 12.86 -15.43
C GLY A 193 44.14 12.57 -13.97
N LEU A 194 44.24 11.29 -13.64
CA LEU A 194 44.54 10.83 -12.29
C LEU A 194 45.94 11.29 -11.88
N MET A 195 46.07 11.75 -10.64
CA MET A 195 47.32 12.35 -10.15
C MET A 195 48.23 11.32 -9.51
N ASN A 196 47.73 10.62 -8.51
CA ASN A 196 48.50 9.58 -7.84
C ASN A 196 48.09 8.19 -8.38
N VAL A 197 48.55 7.92 -9.60
CA VAL A 197 48.34 6.63 -10.26
C VAL A 197 48.86 5.44 -9.42
N PRO A 198 50.10 5.50 -8.90
CA PRO A 198 50.64 4.37 -8.11
C PRO A 198 49.79 3.95 -6.90
N ARG A 199 49.28 4.91 -6.12
CA ARG A 199 48.47 4.62 -4.96
C ARG A 199 47.17 3.92 -5.36
N VAL A 200 46.51 4.44 -6.39
CA VAL A 200 45.26 3.89 -6.88
C VAL A 200 45.44 2.47 -7.42
N GLU A 201 46.45 2.28 -8.26
CA GLU A 201 46.81 0.95 -8.75
C GLU A 201 47.03 -0.05 -7.61
N ALA A 202 47.74 0.37 -6.57
CA ALA A 202 47.97 -0.48 -5.39
C ALA A 202 46.67 -0.80 -4.66
N ILE A 203 45.75 0.16 -4.61
CA ILE A 203 44.43 -0.07 -4.00
C ILE A 203 43.60 -1.02 -4.87
N GLN A 204 43.57 -0.77 -6.19
CA GLN A 204 42.87 -1.66 -7.12
C GLN A 204 43.33 -3.10 -6.94
N ASP A 205 44.64 -3.29 -6.87
CA ASP A 205 45.23 -4.61 -6.78
C ASP A 205 44.81 -5.35 -5.51
N THR A 206 44.81 -4.64 -4.38
CA THR A 206 44.30 -5.18 -3.13
C THR A 206 42.82 -5.60 -3.22
N ILE A 207 42.00 -4.77 -3.87
CA ILE A 207 40.57 -5.08 -4.04
C ILE A 207 40.35 -6.32 -4.91
N LEU A 208 41.06 -6.38 -6.04
CA LEU A 208 40.97 -7.53 -6.94
C LEU A 208 41.44 -8.82 -6.28
N ARG A 209 42.45 -8.72 -5.42
CA ARG A 209 42.94 -9.87 -4.64
C ARG A 209 41.91 -10.31 -3.61
N ALA A 210 41.32 -9.34 -2.91
CA ALA A 210 40.22 -9.60 -1.99
C ALA A 210 39.05 -10.26 -2.70
N LEU A 211 38.78 -9.81 -3.93
CA LEU A 211 37.67 -10.32 -4.72
C LEU A 211 37.87 -11.78 -5.11
N GLU A 212 39.04 -12.10 -5.67
CA GLU A 212 39.35 -13.49 -6.02
C GLU A 212 39.28 -14.40 -4.81
N PHE A 213 39.86 -13.94 -3.70
CA PHE A 213 39.78 -14.66 -2.44
C PHE A 213 38.34 -14.83 -1.98
N HIS A 214 37.55 -13.76 -2.08
CA HIS A 214 36.15 -13.80 -1.66
C HIS A 214 35.31 -14.75 -2.52
N LEU A 215 35.58 -14.79 -3.82
CA LEU A 215 34.84 -15.65 -4.75
C LEU A 215 35.11 -17.13 -4.55
N GLN A 216 36.33 -17.45 -4.10
CA GLN A 216 36.71 -18.81 -3.74
C GLN A 216 35.89 -19.32 -2.56
N ALA A 217 35.75 -18.46 -1.55
CA ALA A 217 35.03 -18.79 -0.32
C ALA A 217 33.51 -18.76 -0.48
N ASN A 218 33.03 -17.94 -1.41
CA ASN A 218 31.59 -17.73 -1.59
C ASN A 218 30.97 -18.54 -2.72
N HIS A 219 31.76 -18.82 -3.75
CA HIS A 219 31.31 -19.63 -4.89
C HIS A 219 32.27 -20.80 -5.13
N PRO A 220 32.27 -21.79 -4.22
CA PRO A 220 33.32 -22.83 -4.21
C PRO A 220 33.46 -23.61 -5.53
N ASP A 221 32.37 -23.76 -6.27
CA ASP A 221 32.40 -24.48 -7.55
C ASP A 221 32.31 -23.52 -8.75
N ALA A 222 32.95 -22.36 -8.57
CA ALA A 222 32.93 -21.23 -9.52
C ALA A 222 33.09 -21.60 -11.00
N GLN A 223 32.19 -21.06 -11.81
CA GLN A 223 32.25 -21.21 -13.26
C GLN A 223 33.28 -20.24 -13.83
N TYR A 224 34.57 -20.54 -13.63
CA TYR A 224 35.69 -19.63 -13.96
C TYR A 224 35.37 -18.16 -13.62
N LEU A 225 34.93 -17.93 -12.39
CA LEU A 225 34.18 -16.73 -12.04
C LEU A 225 34.98 -15.43 -12.02
N PHE A 226 36.18 -15.49 -11.45
CA PHE A 226 37.02 -14.29 -11.31
C PHE A 226 37.39 -13.68 -12.68
N PRO A 227 37.97 -14.47 -13.60
CA PRO A 227 38.29 -13.89 -14.91
C PRO A 227 37.08 -13.48 -15.75
N LYS A 228 35.93 -14.12 -15.53
CA LYS A 228 34.68 -13.69 -16.16
C LYS A 228 34.24 -12.31 -15.66
N LEU A 229 34.51 -12.02 -14.40
CA LEU A 229 34.22 -10.69 -13.84
C LEU A 229 35.15 -9.61 -14.37
N LEU A 230 36.40 -9.97 -14.63
CA LEU A 230 37.36 -9.06 -15.27
C LEU A 230 36.91 -8.71 -16.68
N GLN A 231 36.42 -9.71 -17.41
CA GLN A 231 35.81 -9.48 -18.71
C GLN A 231 34.63 -8.52 -18.59
N LYS A 232 33.76 -8.75 -17.60
CA LYS A 232 32.58 -7.88 -17.40
C LYS A 232 32.96 -6.44 -17.16
N MET A 233 34.07 -6.23 -16.44
CA MET A 233 34.60 -4.89 -16.23
C MET A 233 34.98 -4.22 -17.55
N ALA A 234 35.60 -4.99 -18.45
CA ALA A 234 35.90 -4.52 -19.80
C ALA A 234 34.64 -4.24 -20.60
N ASP A 235 33.64 -5.14 -20.48
CA ASP A 235 32.32 -4.97 -21.11
C ASP A 235 31.63 -3.68 -20.64
N LEU A 236 31.70 -3.41 -19.35
CA LEU A 236 31.12 -2.19 -18.78
C LEU A 236 31.77 -0.93 -19.33
N ARG A 237 33.08 -1.00 -19.56
CA ARG A 237 33.78 0.17 -20.11
C ARG A 237 33.32 0.45 -21.54
N GLN A 238 33.13 -0.61 -22.32
CA GLN A 238 32.57 -0.46 -23.67
C GLN A 238 31.12 0.03 -23.63
N LEU A 239 30.33 -0.48 -22.69
CA LEU A 239 28.93 -0.09 -22.53
C LEU A 239 28.76 1.40 -22.23
N VAL A 240 29.61 1.91 -21.35
CA VAL A 240 29.61 3.32 -20.99
C VAL A 240 30.05 4.19 -22.18
N THR A 241 31.14 3.78 -22.84
CA THR A 241 31.59 4.45 -24.06
C THR A 241 30.45 4.65 -25.06
N GLU A 242 29.73 3.58 -25.37
CA GLU A 242 28.59 3.64 -26.28
C GLU A 242 27.44 4.52 -25.74
N HIS A 243 27.19 4.45 -24.44
CA HIS A 243 26.14 5.23 -23.80
C HIS A 243 26.44 6.73 -23.85
N ALA A 244 27.69 7.10 -23.56
CA ALA A 244 28.15 8.49 -23.68
C ALA A 244 27.99 9.03 -25.11
N GLN A 245 28.23 8.19 -26.10
CA GLN A 245 28.04 8.58 -27.49
C GLN A 245 26.57 8.87 -27.76
N MET A 246 25.70 8.03 -27.21
CA MET A 246 24.25 8.21 -27.36
C MET A 246 23.74 9.44 -26.58
N MET A 247 24.35 9.71 -25.43
CA MET A 247 24.00 10.89 -24.64
C MET A 247 24.41 12.18 -25.36
N GLN A 248 25.54 12.14 -26.08
CA GLN A 248 25.98 13.27 -26.90
CA GLN A 248 25.97 13.28 -26.89
C GLN A 248 24.96 13.54 -28.02
N ARG A 249 24.38 12.46 -28.57
CA ARG A 249 23.37 12.60 -29.60
C ARG A 249 22.12 13.26 -29.09
N ILE A 250 21.70 12.92 -27.87
CA ILE A 250 20.57 13.59 -27.23
C ILE A 250 20.86 15.09 -27.08
N LYS A 251 22.02 15.42 -26.52
CA LYS A 251 22.43 16.83 -26.37
C LYS A 251 22.41 17.61 -27.69
N LYS A 252 22.80 16.95 -28.78
CA LYS A 252 22.84 17.61 -30.09
C LYS A 252 21.47 17.76 -30.75
N THR A 253 20.64 16.73 -30.65
CA THR A 253 19.37 16.67 -31.38
C THR A 253 18.14 17.13 -30.59
N GLU A 254 18.14 16.91 -29.28
CA GLU A 254 17.01 17.24 -28.42
C GLU A 254 17.27 18.54 -27.67
N THR A 255 17.14 19.66 -28.40
CA THR A 255 17.51 20.98 -27.86
C THR A 255 16.65 21.47 -26.69
N GLU A 256 15.37 21.11 -26.70
CA GLU A 256 14.45 21.57 -25.66
C GLU A 256 14.49 20.71 -24.40
N THR A 257 15.21 19.60 -24.47
CA THR A 257 15.33 18.65 -23.36
C THR A 257 16.45 19.09 -22.40
N SER A 258 16.14 19.19 -21.11
CA SER A 258 17.15 19.60 -20.13
C SER A 258 18.00 18.45 -19.59
N LEU A 259 19.26 18.75 -19.34
CA LEU A 259 20.22 17.79 -18.85
C LEU A 259 20.69 18.26 -17.48
N HIS A 260 20.61 17.38 -16.48
CA HIS A 260 21.02 17.71 -15.11
C HIS A 260 22.48 18.15 -15.08
N PRO A 261 22.75 19.30 -14.43
CA PRO A 261 24.09 19.93 -14.35
C PRO A 261 25.21 18.97 -13.94
N LEU A 262 24.96 18.13 -12.94
CA LEU A 262 25.95 17.15 -12.48
C LEU A 262 26.28 16.12 -13.56
N LEU A 263 25.25 15.62 -14.26
CA LEU A 263 25.49 14.68 -15.35
C LEU A 263 26.25 15.34 -16.49
N GLN A 264 25.97 16.63 -16.74
CA GLN A 264 26.71 17.40 -17.72
C GLN A 264 28.19 17.49 -17.34
N GLU A 265 28.47 17.70 -16.05
CA GLU A 265 29.82 17.76 -15.51
C GLU A 265 30.53 16.42 -15.68
N ILE A 266 29.81 15.33 -15.39
CA ILE A 266 30.37 13.98 -15.55
C ILE A 266 30.77 13.72 -17.00
N TYR A 267 29.91 14.08 -17.94
CA TYR A 267 30.16 13.78 -19.35
C TYR A 267 31.16 14.71 -20.01
N LYS A 268 31.30 15.91 -19.47
CA LYS A 268 32.22 16.91 -19.99
C LYS A 268 33.60 16.31 -20.23
N ASP A 269 34.17 16.60 -21.41
CA ASP A 269 35.46 16.05 -21.83
C ASP A 269 35.42 14.52 -21.84
N ALA B 3 -1.50 -13.49 -1.27
CA ALA B 3 -2.65 -12.74 -1.86
C ALA B 3 -2.40 -11.24 -1.85
N ASP B 4 -2.45 -10.62 -3.03
CA ASP B 4 -2.22 -9.18 -3.19
C ASP B 4 -3.12 -8.38 -2.25
N LEU B 5 -2.48 -7.62 -1.36
CA LEU B 5 -3.18 -6.92 -0.29
C LEU B 5 -3.88 -5.65 -0.77
N LYS B 6 -3.24 -4.92 -1.68
CA LYS B 6 -3.85 -3.73 -2.28
C LYS B 6 -5.17 -4.09 -2.97
N ALA B 7 -5.16 -5.18 -3.73
CA ALA B 7 -6.33 -5.67 -4.46
C ALA B 7 -7.43 -6.21 -3.54
N PHE B 8 -7.01 -6.81 -2.43
CA PHE B 8 -7.92 -7.37 -1.41
C PHE B 8 -8.81 -6.27 -0.83
N SER B 9 -8.23 -5.11 -0.54
CA SER B 9 -8.98 -3.96 -0.02
C SER B 9 -9.92 -3.38 -1.09
N LYS B 10 -9.46 -3.39 -2.33
CA LYS B 10 -10.26 -2.86 -3.46
C LYS B 10 -11.50 -3.70 -3.71
N HIS B 11 -11.35 -5.03 -3.63
CA HIS B 11 -12.45 -5.97 -3.79
C HIS B 11 -13.52 -5.77 -2.71
N ILE B 12 -13.08 -5.60 -1.47
CA ILE B 12 -13.99 -5.39 -0.34
C ILE B 12 -14.67 -4.01 -0.40
N TYR B 13 -13.93 -3.00 -0.85
CA TYR B 13 -14.49 -1.65 -1.03
C TYR B 13 -15.59 -1.62 -2.11
N ASN B 14 -15.33 -2.30 -3.23
CA ASN B 14 -16.33 -2.44 -4.29
C ASN B 14 -17.55 -3.25 -3.83
N ALA B 15 -17.31 -4.26 -3.01
CA ALA B 15 -18.38 -5.06 -2.40
C ALA B 15 -19.27 -4.20 -1.51
N TYR B 16 -18.64 -3.28 -0.77
CA TYR B 16 -19.32 -2.31 0.08
C TYR B 16 -20.12 -1.29 -0.74
N LEU B 17 -19.57 -0.85 -1.87
CA LEU B 17 -20.26 0.14 -2.71
C LEU B 17 -21.43 -0.45 -3.49
N LYS B 18 -21.31 -1.73 -3.84
CA LYS B 18 -22.33 -2.44 -4.60
C LYS B 18 -23.50 -2.90 -3.73
N ASN B 19 -23.27 -3.07 -2.43
CA ASN B 19 -24.27 -3.70 -1.56
C ASN B 19 -25.01 -2.79 -0.58
N PHE B 20 -24.40 -1.66 -0.21
CA PHE B 20 -25.04 -0.69 0.67
C PHE B 20 -25.58 0.54 -0.08
N ASN B 21 -26.85 0.85 0.16
CA ASN B 21 -27.53 1.99 -0.47
C ASN B 21 -27.05 3.34 0.03
N MET B 22 -26.94 3.48 1.35
CA MET B 22 -26.46 4.71 1.96
C MET B 22 -24.99 4.56 2.34
N THR B 23 -24.13 5.31 1.66
CA THR B 23 -22.70 5.37 2.01
C THR B 23 -22.45 6.63 2.85
N LYS B 24 -21.35 6.64 3.59
CA LYS B 24 -20.99 7.80 4.42
C LYS B 24 -20.81 9.07 3.57
N LYS B 25 -20.22 8.93 2.38
CA LYS B 25 -20.08 10.06 1.45
C LYS B 25 -21.46 10.62 1.05
N LYS B 26 -22.37 9.74 0.66
CA LYS B 26 -23.73 10.13 0.31
C LYS B 26 -24.45 10.76 1.52
N ALA B 27 -24.21 10.20 2.70
CA ALA B 27 -24.84 10.64 3.95
C ALA B 27 -24.34 11.99 4.48
N ARG B 28 -23.02 12.19 4.44
CA ARG B 28 -22.42 13.45 4.95
C ARG B 28 -22.78 14.67 4.10
N SER B 29 -22.95 14.45 2.79
CA SER B 29 -23.40 15.51 1.88
C SER B 29 -24.85 15.93 2.16
N ILE B 30 -25.62 15.05 2.79
CA ILE B 30 -27.00 15.35 3.19
C ILE B 30 -27.03 16.11 4.52
N LEU B 31 -26.27 15.63 5.51
CA LEU B 31 -26.24 16.25 6.82
C LEU B 31 -25.46 17.57 6.85
N THR B 32 -24.72 17.85 5.78
CA THR B 32 -23.96 19.07 5.64
C THR B 32 -24.18 19.70 4.27
N ALA B 39 -32.30 18.83 1.49
CA ALA B 39 -32.82 19.15 2.81
C ALA B 39 -33.91 18.15 3.22
N PRO B 40 -33.56 17.18 4.10
CA PRO B 40 -34.52 16.17 4.52
C PRO B 40 -35.55 16.73 5.52
N PHE B 41 -36.74 16.14 5.51
CA PHE B 41 -37.83 16.55 6.40
C PHE B 41 -37.52 16.14 7.84
N VAL B 42 -37.66 17.10 8.75
CA VAL B 42 -37.30 16.90 10.16
C VAL B 42 -38.47 16.35 10.99
N ILE B 43 -38.24 15.21 11.63
CA ILE B 43 -39.22 14.62 12.54
C ILE B 43 -38.79 14.93 13.97
N HIS B 44 -39.48 15.87 14.61
CA HIS B 44 -39.09 16.38 15.94
C HIS B 44 -40.20 16.32 16.98
N ASP B 45 -41.40 15.95 16.54
CA ASP B 45 -42.57 15.81 17.41
C ASP B 45 -43.59 14.88 16.75
N ILE B 46 -44.74 14.72 17.39
CA ILE B 46 -45.79 13.83 16.89
C ILE B 46 -46.33 14.26 15.52
N GLU B 47 -46.66 15.54 15.38
CA GLU B 47 -47.28 16.04 14.16
C GLU B 47 -46.41 15.82 12.91
N THR B 48 -45.11 16.07 13.04
CA THR B 48 -44.18 15.88 11.92
C THR B 48 -43.92 14.41 11.62
N LEU B 49 -43.99 13.55 12.64
CA LEU B 49 -43.90 12.12 12.43
C LEU B 49 -45.07 11.64 11.57
N TRP B 50 -46.27 12.13 11.91
CA TRP B 50 -47.48 11.78 11.20
C TRP B 50 -47.43 12.27 9.75
N GLN B 51 -46.94 13.50 9.57
CA GLN B 51 -46.83 14.10 8.25
C GLN B 51 -45.76 13.43 7.39
N ALA B 52 -44.80 12.80 8.06
CA ALA B 52 -43.76 12.01 7.39
C ALA B 52 -44.34 10.71 6.86
N GLU B 53 -45.33 10.16 7.57
CA GLU B 53 -45.98 8.91 7.19
C GLU B 53 -47.00 9.09 6.07
N LYS B 54 -47.56 10.29 5.98
CA LYS B 54 -48.65 10.55 5.03
C LYS B 54 -48.18 10.99 3.65
N GLY B 55 -46.88 11.24 3.50
CA GLY B 55 -46.34 11.69 2.22
C GLY B 55 -44.90 12.18 2.27
N LEU B 56 -44.65 13.18 3.10
CA LEU B 56 -43.38 13.90 3.15
C LEU B 56 -42.11 13.05 3.24
N VAL B 57 -42.22 11.86 3.83
CA VAL B 57 -41.07 10.95 3.99
C VAL B 57 -41.37 9.51 3.54
N TRP B 58 -42.59 9.06 3.78
CA TRP B 58 -42.99 7.70 3.39
C TRP B 58 -44.22 7.67 2.46
N LEU B 65 -46.39 -3.09 7.48
CA LEU B 65 -46.06 -3.11 8.91
C LEU B 65 -47.16 -3.75 9.76
N PRO B 66 -46.83 -4.16 11.02
CA PRO B 66 -47.82 -4.70 11.96
C PRO B 66 -48.92 -3.68 12.27
N PRO B 67 -50.06 -4.14 12.85
CA PRO B 67 -51.13 -3.19 13.19
C PRO B 67 -50.64 -2.13 14.16
N TYR B 68 -51.17 -0.91 14.02
CA TYR B 68 -50.74 0.24 14.83
C TYR B 68 -51.06 0.02 16.31
N LYS B 69 -50.11 0.38 17.17
CA LYS B 69 -50.29 0.27 18.62
C LYS B 69 -50.20 1.63 19.31
N GLU B 70 -49.04 2.28 19.18
CA GLU B 70 -48.76 3.59 19.79
C GLU B 70 -47.50 4.18 19.16
N ILE B 71 -47.19 5.44 19.49
CA ILE B 71 -46.08 6.14 18.84
C ILE B 71 -44.69 5.52 19.04
N SER B 72 -44.34 5.18 20.29
CA SER B 72 -43.02 4.62 20.59
C SER B 72 -42.84 3.24 19.96
N VAL B 73 -43.90 2.45 19.96
CA VAL B 73 -43.92 1.13 19.32
C VAL B 73 -43.89 1.24 17.80
N HIS B 74 -44.43 2.34 17.28
CA HIS B 74 -44.38 2.64 15.84
C HIS B 74 -42.96 2.91 15.37
N VAL B 75 -42.22 3.68 16.15
CA VAL B 75 -40.80 3.90 15.91
C VAL B 75 -40.05 2.57 16.00
N PHE B 76 -40.36 1.81 17.05
CA PHE B 76 -39.78 0.48 17.26
C PHE B 76 -39.99 -0.41 16.05
N TYR B 77 -41.21 -0.44 15.50
CA TYR B 77 -41.52 -1.24 14.32
C TYR B 77 -40.75 -0.80 13.07
N ARG B 78 -40.61 0.51 12.88
CA ARG B 78 -39.84 1.03 11.76
C ARG B 78 -38.34 0.76 11.92
N CYS B 79 -37.89 0.61 13.17
CA CYS B 79 -36.52 0.24 13.43
CA CYS B 79 -36.52 0.22 13.48
C CYS B 79 -36.25 -1.19 13.02
N GLN B 80 -37.22 -2.08 13.27
CA GLN B 80 -37.08 -3.49 12.92
C GLN B 80 -37.00 -3.66 11.41
N CYS B 81 -37.85 -2.94 10.69
CA CYS B 81 -37.83 -2.94 9.23
C CYS B 81 -36.48 -2.46 8.67
N THR B 82 -35.95 -1.37 9.24
CA THR B 82 -34.62 -0.88 8.90
C THR B 82 -33.51 -1.90 9.23
N THR B 83 -33.54 -2.46 10.44
CA THR B 83 -32.54 -3.44 10.87
C THR B 83 -32.52 -4.65 9.94
N VAL B 84 -33.72 -5.15 9.61
CA VAL B 84 -33.87 -6.35 8.78
C VAL B 84 -33.33 -6.11 7.37
N GLU B 85 -33.60 -4.94 6.82
CA GLU B 85 -33.07 -4.57 5.51
C GLU B 85 -31.55 -4.49 5.51
N THR B 86 -30.97 -3.90 6.57
CA THR B 86 -29.53 -3.83 6.71
C THR B 86 -28.90 -5.22 6.85
N VAL B 87 -29.64 -6.17 7.43
CA VAL B 87 -29.16 -7.55 7.56
C VAL B 87 -29.08 -8.22 6.19
N ARG B 88 -30.08 -7.96 5.33
CA ARG B 88 -30.05 -8.40 3.94
C ARG B 88 -28.82 -7.86 3.20
N GLU B 89 -28.54 -6.57 3.37
CA GLU B 89 -27.40 -5.91 2.73
C GLU B 89 -26.07 -6.48 3.20
N LEU B 90 -25.95 -6.65 4.52
CA LEU B 90 -24.76 -7.26 5.12
C LEU B 90 -24.52 -8.68 4.62
N THR B 91 -25.61 -9.45 4.48
CA THR B 91 -25.54 -10.81 3.94
C THR B 91 -24.90 -10.79 2.56
N GLU B 92 -25.40 -9.92 1.68
CA GLU B 92 -24.90 -9.85 0.30
C GLU B 92 -23.47 -9.34 0.25
N PHE B 93 -23.16 -8.37 1.11
CA PHE B 93 -21.80 -7.89 1.27
C PHE B 93 -20.83 -9.02 1.61
N ALA B 94 -21.13 -9.76 2.67
CA ALA B 94 -20.30 -10.87 3.13
C ALA B 94 -20.11 -11.93 2.04
N LYS B 95 -21.18 -12.27 1.34
CA LYS B 95 -21.14 -13.25 0.26
C LYS B 95 -20.26 -12.80 -0.90
N SER B 96 -20.10 -11.48 -1.04
CA SER B 96 -19.23 -10.92 -2.08
C SER B 96 -17.75 -10.99 -1.72
N ILE B 97 -17.46 -11.34 -0.47
CA ILE B 97 -16.10 -11.70 -0.07
C ILE B 97 -15.86 -13.18 -0.40
N PRO B 98 -15.06 -13.48 -1.45
CA PRO B 98 -14.84 -14.86 -1.92
C PRO B 98 -14.47 -15.89 -0.82
N SER B 99 -13.67 -15.47 0.15
CA SER B 99 -13.27 -16.38 1.24
C SER B 99 -14.44 -16.67 2.18
N PHE B 100 -15.33 -15.70 2.38
CA PHE B 100 -16.55 -15.91 3.16
C PHE B 100 -17.44 -17.00 2.52
N SER B 101 -17.62 -16.94 1.21
CA SER B 101 -18.49 -17.89 0.49
C SER B 101 -17.94 -19.31 0.42
N SER B 102 -16.64 -19.47 0.67
CA SER B 102 -16.00 -20.80 0.65
C SER B 102 -16.32 -21.57 1.93
N LEU B 103 -16.69 -20.85 2.99
CA LEU B 103 -17.16 -21.43 4.24
C LEU B 103 -18.46 -22.21 4.03
N PHE B 104 -18.63 -23.27 4.81
CA PHE B 104 -19.91 -23.96 4.83
C PHE B 104 -20.99 -23.04 5.37
N LEU B 105 -22.20 -23.20 4.84
CA LEU B 105 -23.30 -22.28 5.08
C LEU B 105 -23.60 -22.09 6.58
N ASN B 106 -23.42 -23.15 7.37
CA ASN B 106 -23.60 -23.05 8.83
C ASN B 106 -22.68 -22.01 9.50
N ASP B 107 -21.42 -21.96 9.07
CA ASP B 107 -20.48 -20.97 9.58
C ASP B 107 -20.80 -19.57 9.08
N GLN B 108 -21.24 -19.46 7.82
CA GLN B 108 -21.67 -18.18 7.27
C GLN B 108 -22.78 -17.58 8.11
N VAL B 109 -23.76 -18.40 8.45
CA VAL B 109 -24.89 -17.98 9.29
C VAL B 109 -24.41 -17.57 10.68
N THR B 110 -23.53 -18.37 11.26
CA THR B 110 -22.97 -18.07 12.59
C THR B 110 -22.30 -16.68 12.63
N LEU B 111 -21.44 -16.41 11.65
CA LEU B 111 -20.75 -15.12 11.55
C LEU B 111 -21.70 -13.94 11.39
N LEU B 112 -22.76 -14.12 10.61
CA LEU B 112 -23.71 -13.04 10.41
C LEU B 112 -24.57 -12.87 11.67
N LYS B 113 -24.96 -14.00 12.25
CA LYS B 113 -25.76 -14.00 13.46
C LYS B 113 -25.13 -13.15 14.55
N TYR B 114 -23.86 -13.42 14.84
CA TYR B 114 -23.18 -12.76 15.94
C TYR B 114 -22.50 -11.45 15.56
N GLY B 115 -22.53 -11.12 14.27
CA GLY B 115 -21.82 -9.96 13.76
C GLY B 115 -22.65 -8.83 13.18
N VAL B 116 -23.87 -9.14 12.72
CA VAL B 116 -24.66 -8.13 12.00
C VAL B 116 -24.93 -6.87 12.82
N HIS B 117 -25.26 -7.03 14.11
CA HIS B 117 -25.59 -5.87 14.94
C HIS B 117 -24.37 -5.00 15.23
N GLU B 118 -23.22 -5.63 15.46
CA GLU B 118 -21.98 -4.87 15.62
C GLU B 118 -21.75 -4.02 14.39
N ALA B 119 -21.93 -4.64 13.22
CA ALA B 119 -21.72 -3.96 11.95
C ALA B 119 -22.78 -2.89 11.74
N ILE B 120 -24.03 -3.21 12.10
CA ILE B 120 -25.12 -2.23 12.03
C ILE B 120 -24.80 -0.94 12.82
N PHE B 121 -24.33 -1.09 14.05
CA PHE B 121 -24.04 0.06 14.88
C PHE B 121 -22.81 0.84 14.43
N ALA B 122 -21.86 0.16 13.78
CA ALA B 122 -20.72 0.84 13.16
C ALA B 122 -21.15 1.71 11.97
N MET B 123 -22.02 1.18 11.12
CA MET B 123 -22.51 1.92 9.94
C MET B 123 -23.50 3.02 10.31
N LEU B 124 -24.23 2.80 11.41
CA LEU B 124 -25.15 3.77 11.96
C LEU B 124 -24.48 5.13 12.17
N ALA B 125 -23.23 5.10 12.64
CA ALA B 125 -22.45 6.32 12.89
C ALA B 125 -22.35 7.21 11.65
N SER B 126 -22.37 6.61 10.46
CA SER B 126 -22.28 7.35 9.19
C SER B 126 -23.50 8.27 8.92
N ILE B 127 -24.66 7.92 9.49
CA ILE B 127 -25.90 8.68 9.28
C ILE B 127 -26.33 9.47 10.53
N VAL B 128 -25.42 9.54 11.50
CA VAL B 128 -25.72 10.17 12.78
C VAL B 128 -24.85 11.39 13.00
N ASN B 129 -25.45 12.45 13.51
CA ASN B 129 -24.69 13.51 14.15
C ASN B 129 -25.22 13.76 15.56
N LYS B 130 -24.65 14.76 16.24
CA LYS B 130 -25.00 15.09 17.62
C LYS B 130 -26.49 15.31 17.84
N ASP B 131 -27.18 15.78 16.80
CA ASP B 131 -28.57 16.21 16.91
C ASP B 131 -29.65 15.25 16.38
N GLY B 132 -29.23 14.11 15.84
CA GLY B 132 -30.19 13.10 15.35
C GLY B 132 -29.65 12.22 14.24
N LEU B 133 -30.54 11.51 13.55
CA LEU B 133 -30.12 10.60 12.49
C LEU B 133 -31.03 10.63 11.27
N LEU B 134 -30.45 10.32 10.11
CA LEU B 134 -31.20 10.14 8.87
C LEU B 134 -32.05 8.86 8.94
N VAL B 135 -33.24 8.93 8.34
CA VAL B 135 -34.09 7.76 8.17
C VAL B 135 -34.64 7.71 6.74
N ALA B 136 -35.27 6.58 6.40
CA ALA B 136 -35.90 6.37 5.09
C ALA B 136 -34.94 6.68 3.94
N ASN B 137 -33.74 6.12 4.04
CA ASN B 137 -32.65 6.38 3.10
C ASN B 137 -32.39 7.85 2.80
N GLY B 138 -32.23 8.64 3.87
CA GLY B 138 -31.90 10.06 3.74
C GLY B 138 -33.07 11.01 3.53
N SER B 139 -34.26 10.48 3.31
CA SER B 139 -35.46 11.31 3.11
C SER B 139 -35.83 12.10 4.36
N GLY B 140 -35.64 11.49 5.52
CA GLY B 140 -35.99 12.11 6.79
C GLY B 140 -34.86 12.19 7.80
N PHE B 141 -35.01 13.10 8.76
CA PHE B 141 -34.06 13.28 9.83
C PHE B 141 -34.83 13.32 11.17
N VAL B 142 -34.58 12.34 12.02
CA VAL B 142 -35.23 12.30 13.32
C VAL B 142 -34.30 12.92 14.36
N THR B 143 -34.85 13.84 15.15
CA THR B 143 -34.04 14.52 16.16
C THR B 143 -33.79 13.62 17.36
N ARG B 144 -32.64 13.83 18.00
CA ARG B 144 -32.24 13.15 19.21
C ARG B 144 -33.19 13.51 20.36
N GLU B 145 -33.73 14.72 20.29
CA GLU B 145 -34.66 15.23 21.29
C GLU B 145 -36.00 14.51 21.28
N PHE B 146 -36.54 14.26 20.09
CA PHE B 146 -37.79 13.52 19.92
C PHE B 146 -37.65 12.04 20.34
N LEU B 147 -36.52 11.42 20.01
CA LEU B 147 -36.30 10.03 20.38
C LEU B 147 -36.11 9.86 21.89
N ARG B 148 -35.53 10.88 22.53
CA ARG B 148 -35.37 10.93 23.98
C ARG B 148 -36.74 11.05 24.68
N SER B 149 -37.72 11.59 23.96
CA SER B 149 -39.06 11.82 24.49
C SER B 149 -39.98 10.60 24.43
N LEU B 150 -39.54 9.53 23.76
CA LEU B 150 -40.32 8.30 23.69
C LEU B 150 -40.31 7.61 25.04
N ARG B 151 -41.39 6.89 25.36
CA ARG B 151 -41.48 6.23 26.67
C ARG B 151 -40.39 5.16 26.82
N LYS B 152 -39.99 4.94 28.07
CA LYS B 152 -39.05 3.88 28.43
C LYS B 152 -39.66 2.52 28.08
N PRO B 153 -38.82 1.53 27.73
CA PRO B 153 -37.35 1.57 27.66
C PRO B 153 -36.78 2.01 26.32
N PHE B 154 -37.66 2.40 25.38
CA PHE B 154 -37.22 2.77 24.03
C PHE B 154 -36.21 3.91 24.03
N SER B 155 -36.42 4.91 24.88
CA SER B 155 -35.50 6.04 25.02
C SER B 155 -34.13 5.62 25.59
N ASP B 156 -34.16 4.68 26.53
CA ASP B 156 -32.93 4.14 27.14
C ASP B 156 -32.07 3.33 26.16
N ILE B 157 -32.71 2.71 25.17
CA ILE B 157 -32.01 1.90 24.18
C ILE B 157 -31.30 2.78 23.15
N ILE B 158 -31.87 3.94 22.89
CA ILE B 158 -31.42 4.83 21.81
C ILE B 158 -30.17 5.64 22.15
N GLU B 159 -30.06 6.08 23.40
CA GLU B 159 -29.03 7.03 23.83
C GLU B 159 -27.57 6.52 23.72
N PRO B 160 -27.25 5.31 24.25
CA PRO B 160 -25.87 4.81 24.12
C PRO B 160 -25.36 4.67 22.69
N LYS B 161 -26.28 4.59 21.72
CA LYS B 161 -25.91 4.53 20.30
C LYS B 161 -25.41 5.87 19.78
N PHE B 162 -26.08 6.95 20.20
CA PHE B 162 -25.60 8.32 19.96
C PHE B 162 -24.22 8.56 20.58
N GLU B 163 -24.04 8.12 21.82
CA GLU B 163 -22.77 8.30 22.54
C GLU B 163 -21.64 7.54 21.85
N PHE B 164 -21.96 6.36 21.33
CA PHE B 164 -20.99 5.62 20.53
C PHE B 164 -20.71 6.32 19.21
N ALA B 165 -21.78 6.70 18.51
CA ALA B 165 -21.69 7.24 17.16
C ALA B 165 -20.86 8.51 17.08
N VAL B 166 -21.05 9.42 18.02
CA VAL B 166 -20.32 10.70 18.03
C VAL B 166 -18.82 10.49 18.29
N LYS B 167 -18.48 9.57 19.18
CA LYS B 167 -17.08 9.23 19.45
C LYS B 167 -16.43 8.48 18.28
N PHE B 168 -17.20 7.62 17.63
CA PHE B 168 -16.75 6.90 16.44
C PHE B 168 -16.49 7.86 15.27
N ASN B 169 -17.39 8.84 15.09
CA ASN B 169 -17.29 9.83 14.01
C ASN B 169 -16.08 10.76 14.15
N ALA B 170 -15.57 10.90 15.37
CA ALA B 170 -14.39 11.72 15.64
C ALA B 170 -13.14 11.15 14.96
N LEU B 171 -13.17 9.86 14.66
CA LEU B 171 -12.05 9.17 14.02
C LEU B 171 -11.93 9.52 12.53
N GLU B 172 -13.01 10.05 11.97
CA GLU B 172 -13.04 10.58 10.60
C GLU B 172 -12.68 9.54 9.52
N LEU B 173 -13.29 8.37 9.60
CA LEU B 173 -13.09 7.33 8.60
C LEU B 173 -13.89 7.61 7.33
N ASP B 174 -13.34 7.22 6.19
CA ASP B 174 -14.13 7.23 4.95
C ASP B 174 -14.74 5.86 4.65
N ASP B 175 -15.48 5.76 3.55
CA ASP B 175 -16.14 4.51 3.14
C ASP B 175 -15.15 3.36 2.89
N SER B 176 -13.98 3.69 2.33
CA SER B 176 -12.95 2.70 2.06
C SER B 176 -12.36 2.11 3.34
N ASP B 177 -12.30 2.92 4.39
CA ASP B 177 -11.92 2.42 5.72
C ASP B 177 -13.01 1.50 6.27
N LEU B 178 -14.27 1.94 6.20
CA LEU B 178 -15.39 1.19 6.79
C LEU B 178 -15.65 -0.15 6.12
N ALA B 179 -15.43 -0.22 4.81
CA ALA B 179 -15.53 -1.48 4.07
C ALA B 179 -14.67 -2.57 4.73
N LEU B 180 -13.43 -2.23 5.05
CA LEU B 180 -12.52 -3.16 5.72
C LEU B 180 -12.88 -3.39 7.20
N PHE B 181 -13.31 -2.34 7.89
CA PHE B 181 -13.70 -2.44 9.29
C PHE B 181 -14.93 -3.36 9.47
N ILE B 182 -15.93 -3.19 8.62
CA ILE B 182 -17.14 -4.02 8.63
C ILE B 182 -16.80 -5.48 8.33
N ALA B 183 -15.92 -5.68 7.35
CA ALA B 183 -15.46 -7.01 6.96
C ALA B 183 -14.74 -7.72 8.12
N ALA B 184 -13.94 -6.97 8.87
CA ALA B 184 -13.24 -7.52 10.04
C ALA B 184 -14.21 -7.93 11.13
N ILE B 185 -15.31 -7.18 11.26
CA ILE B 185 -16.35 -7.45 12.24
C ILE B 185 -17.09 -8.75 11.92
N ILE B 186 -17.40 -8.97 10.64
CA ILE B 186 -18.11 -10.17 10.21
C ILE B 186 -17.21 -11.40 10.28
N LEU B 187 -16.00 -11.27 9.76
CA LEU B 187 -15.07 -12.39 9.69
C LEU B 187 -14.30 -12.52 11.00
N CYS B 188 -15.01 -12.99 12.03
CA CYS B 188 -14.49 -12.97 13.39
C CYS B 188 -14.44 -14.37 13.99
N GLY B 189 -13.22 -14.82 14.30
CA GLY B 189 -12.98 -16.20 14.73
C GLY B 189 -13.48 -16.57 16.13
N ASP B 190 -13.94 -15.58 16.88
CA ASP B 190 -14.38 -15.78 18.28
C ASP B 190 -15.85 -16.14 18.45
N ARG B 191 -16.62 -16.20 17.37
CA ARG B 191 -18.08 -16.39 17.49
C ARG B 191 -18.40 -17.77 18.03
N PRO B 192 -19.32 -17.85 19.01
CA PRO B 192 -19.67 -19.14 19.59
C PRO B 192 -20.30 -20.09 18.58
N GLY B 193 -19.92 -21.36 18.64
CA GLY B 193 -20.50 -22.40 17.80
C GLY B 193 -19.90 -22.48 16.40
N LEU B 194 -18.86 -21.69 16.15
CA LEU B 194 -18.20 -21.68 14.85
C LEU B 194 -17.53 -23.01 14.60
N MET B 195 -17.61 -23.50 13.37
CA MET B 195 -17.10 -24.83 13.03
C MET B 195 -15.63 -24.78 12.62
N ASN B 196 -15.33 -24.16 11.48
CA ASN B 196 -13.96 -24.01 11.04
C ASN B 196 -13.34 -22.72 11.59
N VAL B 197 -13.01 -22.74 12.89
CA VAL B 197 -12.34 -21.61 13.53
C VAL B 197 -11.00 -21.23 12.87
N PRO B 198 -10.12 -22.21 12.57
CA PRO B 198 -8.83 -21.89 11.93
C PRO B 198 -8.95 -21.10 10.63
N ARG B 199 -9.86 -21.52 9.74
CA ARG B 199 -10.07 -20.84 8.47
C ARG B 199 -10.53 -19.38 8.67
N VAL B 200 -11.53 -19.19 9.52
CA VAL B 200 -12.09 -17.85 9.79
C VAL B 200 -11.04 -16.93 10.41
N GLU B 201 -10.30 -17.44 11.40
CA GLU B 201 -9.16 -16.74 11.99
C GLU B 201 -8.16 -16.29 10.94
N ALA B 202 -7.79 -17.21 10.04
CA ALA B 202 -6.87 -16.90 8.94
C ALA B 202 -7.41 -15.77 8.05
N ILE B 203 -8.70 -15.83 7.71
CA ILE B 203 -9.35 -14.76 6.96
C ILE B 203 -9.34 -13.43 7.74
N GLN B 204 -9.72 -13.47 9.01
CA GLN B 204 -9.74 -12.28 9.86
C GLN B 204 -8.39 -11.55 9.87
N ASP B 205 -7.31 -12.33 9.99
CA ASP B 205 -5.96 -11.79 10.05
C ASP B 205 -5.56 -11.06 8.78
N THR B 206 -5.86 -11.67 7.63
CA THR B 206 -5.66 -11.05 6.32
C THR B 206 -6.35 -9.69 6.23
N ILE B 207 -7.63 -9.65 6.64
CA ILE B 207 -8.42 -8.42 6.62
C ILE B 207 -7.83 -7.36 7.52
N LEU B 208 -7.46 -7.75 8.73
CA LEU B 208 -6.84 -6.83 9.69
C LEU B 208 -5.52 -6.29 9.18
N ARG B 209 -4.73 -7.15 8.53
CA ARG B 209 -3.50 -6.74 7.85
C ARG B 209 -3.81 -5.76 6.72
N ALA B 210 -4.84 -6.09 5.94
CA ALA B 210 -5.33 -5.19 4.90
C ALA B 210 -5.73 -3.85 5.49
N LEU B 211 -6.37 -3.86 6.64
CA LEU B 211 -6.85 -2.66 7.31
C LEU B 211 -5.71 -1.74 7.71
N GLU B 212 -4.76 -2.26 8.46
CA GLU B 212 -3.61 -1.46 8.93
C GLU B 212 -2.86 -0.81 7.77
N PHE B 213 -2.60 -1.60 6.73
CA PHE B 213 -1.93 -1.13 5.52
C PHE B 213 -2.75 -0.04 4.85
N HIS B 214 -4.05 -0.26 4.74
CA HIS B 214 -4.94 0.74 4.12
C HIS B 214 -4.99 2.05 4.92
N LEU B 215 -4.89 1.96 6.24
CA LEU B 215 -4.90 3.15 7.09
C LEU B 215 -3.60 3.95 7.03
N GLN B 216 -2.51 3.27 6.66
CA GLN B 216 -1.22 3.93 6.44
C GLN B 216 -1.23 4.78 5.17
N ALA B 217 -1.80 4.23 4.09
CA ALA B 217 -1.89 4.91 2.81
C ALA B 217 -2.98 5.99 2.80
N ASN B 218 -4.10 5.70 3.46
CA ASN B 218 -5.26 6.59 3.46
C ASN B 218 -5.19 7.70 4.53
N HIS B 219 -4.61 7.39 5.68
CA HIS B 219 -4.41 8.39 6.73
C HIS B 219 -2.95 8.43 7.17
N PRO B 220 -2.05 9.00 6.32
CA PRO B 220 -0.61 8.95 6.59
C PRO B 220 -0.20 9.56 7.93
N ASP B 221 -0.90 10.62 8.32
CA ASP B 221 -0.61 11.31 9.58
C ASP B 221 -1.58 10.91 10.68
N ALA B 222 -1.96 9.62 10.65
CA ALA B 222 -2.99 9.05 11.55
C ALA B 222 -2.71 9.25 13.04
N GLN B 223 -3.80 9.50 13.79
CA GLN B 223 -3.74 9.62 15.24
C GLN B 223 -3.93 8.25 15.89
N TYR B 224 -2.88 7.41 15.82
CA TYR B 224 -2.88 6.00 16.26
C TYR B 224 -4.12 5.20 15.84
N LEU B 225 -4.47 5.31 14.56
CA LEU B 225 -5.78 4.87 14.08
C LEU B 225 -6.06 3.37 14.21
N PHE B 226 -5.11 2.54 13.81
CA PHE B 226 -5.30 1.08 13.80
C PHE B 226 -5.65 0.48 15.18
N PRO B 227 -4.82 0.75 16.21
CA PRO B 227 -5.14 0.31 17.56
C PRO B 227 -6.49 0.82 18.05
N LYS B 228 -6.79 2.10 17.77
CA LYS B 228 -8.05 2.71 18.18
C LYS B 228 -9.25 1.96 17.58
N LEU B 229 -9.12 1.53 16.34
CA LEU B 229 -10.21 0.79 15.68
C LEU B 229 -10.40 -0.62 16.24
N LEU B 230 -9.31 -1.22 16.71
CA LEU B 230 -9.39 -2.51 17.40
C LEU B 230 -10.14 -2.37 18.72
N GLN B 231 -9.91 -1.27 19.44
CA GLN B 231 -10.66 -0.98 20.66
C GLN B 231 -12.15 -0.79 20.35
N LYS B 232 -12.45 -0.13 19.24
CA LYS B 232 -13.83 0.15 18.84
C LYS B 232 -14.61 -1.14 18.60
N MET B 233 -13.93 -2.13 18.03
CA MET B 233 -14.49 -3.45 17.80
C MET B 233 -14.89 -4.09 19.13
N ALA B 234 -14.04 -3.94 20.14
CA ALA B 234 -14.36 -4.40 21.49
C ALA B 234 -15.55 -3.62 22.06
N ASP B 235 -15.51 -2.29 21.93
CA ASP B 235 -16.63 -1.43 22.33
C ASP B 235 -17.96 -1.83 21.67
N LEU B 236 -17.92 -2.17 20.39
CA LEU B 236 -19.11 -2.61 19.66
C LEU B 236 -19.66 -3.91 20.21
N ARG B 237 -18.77 -4.80 20.63
CA ARG B 237 -19.16 -6.06 21.24
C ARG B 237 -19.99 -5.83 22.49
N GLN B 238 -19.50 -4.96 23.38
CA GLN B 238 -20.20 -4.59 24.61
CA GLN B 238 -20.22 -4.61 24.61
C GLN B 238 -21.52 -3.87 24.30
N LEU B 239 -21.50 -3.00 23.29
CA LEU B 239 -22.69 -2.26 22.88
C LEU B 239 -23.82 -3.22 22.49
N VAL B 240 -23.46 -4.25 21.71
CA VAL B 240 -24.42 -5.24 21.23
C VAL B 240 -24.89 -6.18 22.35
N THR B 241 -23.99 -6.52 23.27
CA THR B 241 -24.35 -7.32 24.44
C THR B 241 -25.42 -6.63 25.28
N GLU B 242 -25.23 -5.33 25.51
CA GLU B 242 -26.19 -4.55 26.29
C GLU B 242 -27.50 -4.34 25.51
N HIS B 243 -27.40 -4.14 24.20
CA HIS B 243 -28.58 -3.96 23.35
C HIS B 243 -29.47 -5.20 23.35
N ALA B 244 -28.86 -6.38 23.21
CA ALA B 244 -29.57 -7.66 23.29
C ALA B 244 -30.31 -7.84 24.62
N GLN B 245 -29.66 -7.48 25.73
CA GLN B 245 -30.27 -7.56 27.05
C GLN B 245 -31.51 -6.68 27.17
N MET B 246 -31.44 -5.49 26.57
CA MET B 246 -32.58 -4.58 26.56
C MET B 246 -33.70 -5.11 25.65
N MET B 247 -33.32 -5.74 24.55
CA MET B 247 -34.28 -6.29 23.59
C MET B 247 -35.01 -7.51 24.13
N GLN B 248 -34.32 -8.32 24.93
CA GLN B 248 -34.94 -9.47 25.60
C GLN B 248 -35.85 -9.02 26.75
N ARG B 249 -35.53 -7.86 27.35
CA ARG B 249 -36.37 -7.27 28.38
C ARG B 249 -37.72 -6.80 27.81
N ILE B 250 -37.68 -6.22 26.61
CA ILE B 250 -38.89 -5.82 25.89
C ILE B 250 -39.79 -7.04 25.65
N LYS B 251 -39.19 -8.11 25.14
CA LYS B 251 -39.88 -9.37 24.88
C LYS B 251 -40.62 -9.91 26.11
N LYS B 252 -40.02 -9.74 27.29
CA LYS B 252 -40.57 -10.26 28.54
C LYS B 252 -41.64 -9.36 29.17
N THR B 253 -41.62 -8.07 28.83
CA THR B 253 -42.53 -7.09 29.46
C THR B 253 -43.65 -6.60 28.53
N GLU B 254 -43.31 -6.37 27.25
CA GLU B 254 -44.26 -5.86 26.26
C GLU B 254 -44.84 -7.04 25.46
N THR B 255 -45.91 -7.63 25.98
CA THR B 255 -46.50 -8.84 25.39
C THR B 255 -47.16 -8.58 24.04
N GLU B 256 -47.81 -7.43 23.90
CA GLU B 256 -48.53 -7.06 22.69
C GLU B 256 -47.61 -6.61 21.55
N THR B 257 -46.38 -6.21 21.91
CA THR B 257 -45.43 -5.66 20.94
C THR B 257 -44.72 -6.78 20.17
N SER B 258 -44.85 -6.75 18.84
CA SER B 258 -44.34 -7.83 18.00
C SER B 258 -42.88 -7.66 17.58
N LEU B 259 -42.14 -8.76 17.64
CA LEU B 259 -40.74 -8.81 17.22
C LEU B 259 -40.59 -9.62 15.93
N HIS B 260 -39.85 -9.08 14.98
CA HIS B 260 -39.58 -9.74 13.71
C HIS B 260 -38.89 -11.10 13.92
N PRO B 261 -39.39 -12.15 13.25
CA PRO B 261 -38.84 -13.51 13.41
C PRO B 261 -37.33 -13.59 13.23
N LEU B 262 -36.79 -12.86 12.23
CA LEU B 262 -35.35 -12.83 11.98
C LEU B 262 -34.56 -12.29 13.18
N LEU B 263 -35.07 -11.24 13.78
CA LEU B 263 -34.44 -10.64 14.94
C LEU B 263 -34.53 -11.56 16.16
N GLN B 264 -35.65 -12.27 16.29
CA GLN B 264 -35.81 -13.29 17.31
C GLN B 264 -34.79 -14.42 17.15
N GLU B 265 -34.52 -14.81 15.90
CA GLU B 265 -33.52 -15.84 15.62
C GLU B 265 -32.11 -15.40 15.98
N ILE B 266 -31.82 -14.12 15.76
CA ILE B 266 -30.50 -13.57 16.06
C ILE B 266 -30.25 -13.53 17.56
N TYR B 267 -31.26 -13.12 18.32
CA TYR B 267 -31.08 -12.84 19.75
C TYR B 267 -31.23 -14.04 20.67
N LYS B 268 -31.88 -15.11 20.22
CA LYS B 268 -32.43 -16.11 21.14
C LYS B 268 -31.44 -16.81 22.09
N ASP B 269 -30.16 -16.87 21.74
CA ASP B 269 -29.19 -17.52 22.61
C ASP B 269 -28.06 -16.62 23.16
N MET B 270 -28.24 -15.30 23.06
CA MET B 270 -27.26 -14.33 23.54
C MET B 270 -27.41 -13.99 25.04
N TYR B 271 -26.28 -13.66 25.67
CA TYR B 271 -26.23 -13.21 27.07
C TYR B 271 -24.96 -12.42 27.38
#